data_5DZI
#
_entry.id   5DZI
#
_cell.length_a   56.390
_cell.length_b   82.349
_cell.length_c   58.610
_cell.angle_alpha   90.000
_cell.angle_beta   111.170
_cell.angle_gamma   90.000
#
_symmetry.space_group_name_H-M   'P 1 21 1'
#
loop_
_entity.id
_entity.type
_entity.pdbx_description
1 polymer 'Estrogen receptor'
2 polymer 'Nuclear receptor coactivator 2'
3 non-polymer "4,4'-{[(3S)-3-(2-hydroxyethyl)cyclohexylidene]methanediyl}diphenol"
4 water water
#
loop_
_entity_poly.entity_id
_entity_poly.type
_entity_poly.pdbx_seq_one_letter_code
_entity_poly.pdbx_strand_id
1 'polypeptide(L)'
;IKRSKKNSLALSLTADQMVSALLDAEPPILYSEYDPTRPFSEASMMGLLTNLADRELVHMINWAKRVPGFVDLTLHDQVH
LLECAWLEILMIGLVWRSMEHPGKLLFAPNLLLDRNQGKCVEGMVEIFDMLLATSSRFRMMNLQGEEFVCLKSIILLNSG
VYTFLSSTLKSLEEKDHIHRVLDKITDTLIHLMAKAGLTLQQQHQRLAQLLLILSHIRHMSNKGMEHLYSMKCKNVVPLS
DLLLEMLDAHRLHAPTS
;
A,B
2 'polypeptide(L)' KHKILHRLLQDSSS C,D
#
# COMPACT_ATOMS: atom_id res chain seq x y z
N ASN A 7 5.03 -14.33 27.00
CA ASN A 7 4.29 -15.10 26.02
C ASN A 7 2.88 -14.56 25.80
N SER A 8 2.44 -14.53 24.55
CA SER A 8 1.13 -13.97 24.19
C SER A 8 0.06 -15.05 24.01
N LEU A 9 -1.14 -14.78 24.52
CA LEU A 9 -2.24 -15.73 24.46
C LEU A 9 -2.72 -15.95 23.03
N ALA A 10 -2.49 -14.96 22.18
CA ALA A 10 -2.97 -14.96 20.80
C ALA A 10 -2.42 -16.12 19.95
N LEU A 11 -1.19 -16.53 20.23
CA LEU A 11 -0.57 -17.60 19.45
C LEU A 11 -1.21 -18.95 19.70
N SER A 12 -1.87 -19.10 20.85
CA SER A 12 -2.49 -20.37 21.20
C SER A 12 -3.82 -20.55 20.48
N LEU A 13 -4.39 -19.46 19.99
CA LEU A 13 -5.71 -19.51 19.38
C LEU A 13 -5.72 -20.40 18.15
N THR A 14 -6.79 -21.18 18.02
CA THR A 14 -7.06 -21.89 16.78
C THR A 14 -7.61 -20.92 15.76
N ALA A 15 -7.71 -21.36 14.51
CA ALA A 15 -8.26 -20.53 13.45
C ALA A 15 -9.69 -20.12 13.76
N ASP A 16 -10.50 -21.09 14.17
CA ASP A 16 -11.89 -20.83 14.49
C ASP A 16 -11.98 -19.85 15.64
N GLN A 17 -11.07 -19.97 16.61
CA GLN A 17 -11.06 -19.05 17.74
C GLN A 17 -10.66 -17.65 17.31
N MET A 18 -9.70 -17.56 16.39
CA MET A 18 -9.31 -16.27 15.84
C MET A 18 -10.48 -15.61 15.12
N VAL A 19 -11.17 -16.37 14.26
CA VAL A 19 -12.34 -15.83 13.54
C VAL A 19 -13.40 -15.32 14.52
N SER A 20 -13.75 -16.13 15.50
CA SER A 20 -14.73 -15.78 16.51
C SER A 20 -14.39 -14.50 17.24
N ALA A 21 -13.17 -14.44 17.76
CA ALA A 21 -12.69 -13.28 18.50
C ALA A 21 -12.79 -12.02 17.65
N LEU A 22 -12.35 -12.10 16.39
CA LEU A 22 -12.39 -10.92 15.52
C LEU A 22 -13.82 -10.51 15.20
N LEU A 23 -14.70 -11.46 14.92
CA LEU A 23 -16.10 -11.14 14.67
C LEU A 23 -16.74 -10.45 15.88
N ASP A 24 -16.44 -10.97 17.07
CA ASP A 24 -17.05 -10.44 18.28
C ASP A 24 -16.53 -9.05 18.61
N ALA A 25 -15.36 -8.72 18.08
CA ALA A 25 -14.73 -7.41 18.32
C ALA A 25 -15.27 -6.31 17.42
N GLU A 26 -16.06 -6.66 16.41
CA GLU A 26 -16.47 -5.70 15.36
C GLU A 26 -17.12 -4.46 15.96
N PRO A 27 -16.72 -3.26 15.51
CA PRO A 27 -17.35 -2.03 16.01
C PRO A 27 -18.76 -1.88 15.48
N PRO A 28 -19.60 -1.07 16.15
CA PRO A 28 -20.97 -0.88 15.68
C PRO A 28 -21.06 0.00 14.43
N ILE A 29 -22.16 -0.09 13.69
CA ILE A 29 -22.36 0.80 12.55
C ILE A 29 -23.04 2.07 13.04
N LEU A 30 -22.33 3.19 12.92
CA LEU A 30 -22.81 4.46 13.42
C LEU A 30 -23.66 5.21 12.38
N TYR A 31 -24.55 6.06 12.87
CA TYR A 31 -25.37 6.90 12.02
C TYR A 31 -24.80 8.31 11.91
N SER A 32 -25.16 9.00 10.83
CA SER A 32 -24.91 10.43 10.68
C SER A 32 -26.12 11.23 11.18
N GLU A 33 -26.05 12.55 11.15
CA GLU A 33 -27.16 13.41 11.54
C GLU A 33 -28.43 13.17 10.68
N TYR A 34 -29.60 13.35 11.24
CA TYR A 34 -30.87 13.07 10.56
C TYR A 34 -31.45 14.22 9.78
N ASP A 35 -30.74 15.32 9.71
CA ASP A 35 -31.17 16.42 8.85
C ASP A 35 -31.17 16.04 7.37
N PRO A 36 -32.31 16.24 6.74
CA PRO A 36 -32.49 15.83 5.36
C PRO A 36 -32.26 16.96 4.37
N THR A 37 -31.64 18.05 4.79
CA THR A 37 -31.44 19.21 3.93
C THR A 37 -30.48 18.90 2.79
N ARG A 38 -30.97 19.03 1.58
CA ARG A 38 -30.17 18.74 0.41
C ARG A 38 -30.25 19.85 -0.61
N PRO A 39 -29.14 20.15 -1.27
CA PRO A 39 -27.95 19.31 -1.23
C PRO A 39 -26.89 19.79 -0.23
N PHE A 40 -25.86 18.97 -0.07
CA PHE A 40 -24.76 19.29 0.81
C PHE A 40 -23.89 20.38 0.22
N SER A 41 -23.47 21.31 1.05
CA SER A 41 -22.40 22.23 0.74
C SER A 41 -21.07 21.52 1.01
N GLU A 42 -19.97 22.14 0.60
CA GLU A 42 -18.66 21.57 0.92
C GLU A 42 -18.47 21.54 2.43
N ALA A 43 -18.90 22.60 3.11
CA ALA A 43 -18.79 22.67 4.56
C ALA A 43 -19.66 21.62 5.23
N SER A 44 -20.90 21.48 4.76
CA SER A 44 -21.82 20.52 5.35
C SER A 44 -21.28 19.10 5.19
N MET A 45 -20.86 18.74 4.00
CA MET A 45 -20.34 17.42 3.76
C MET A 45 -19.14 17.09 4.62
N MET A 46 -18.14 17.96 4.62
CA MET A 46 -16.93 17.66 5.38
C MET A 46 -17.24 17.63 6.87
N GLY A 47 -18.21 18.44 7.27
CA GLY A 47 -18.67 18.43 8.65
C GLY A 47 -19.23 17.06 9.01
N LEU A 48 -20.10 16.51 8.17
CA LEU A 48 -20.70 15.22 8.49
C LEU A 48 -19.69 14.08 8.47
N LEU A 49 -18.80 14.08 7.49
CA LEU A 49 -17.79 13.03 7.42
C LEU A 49 -16.85 13.08 8.61
N THR A 50 -16.50 14.27 9.02
CA THR A 50 -15.59 14.47 10.10
C THR A 50 -16.22 14.07 11.43
N ASN A 51 -17.44 14.49 11.66
CA ASN A 51 -18.13 14.11 12.89
C ASN A 51 -18.28 12.58 13.00
N LEU A 52 -18.64 11.94 11.89
CA LEU A 52 -18.80 10.50 11.87
C LEU A 52 -17.44 9.81 12.14
N ALA A 53 -16.40 10.23 11.44
CA ALA A 53 -15.07 9.62 11.61
C ALA A 53 -14.60 9.75 13.06
N ASP A 54 -14.84 10.91 13.64
CA ASP A 54 -14.45 11.16 15.03
C ASP A 54 -15.13 10.19 16.01
N ARG A 55 -16.40 9.92 15.79
CA ARG A 55 -17.12 8.99 16.66
C ARG A 55 -16.67 7.54 16.38
N GLU A 56 -16.46 7.21 15.11
CA GLU A 56 -15.95 5.90 14.73
C GLU A 56 -14.59 5.61 15.37
N LEU A 57 -13.77 6.65 15.52
CA LEU A 57 -12.43 6.44 16.03
C LEU A 57 -12.46 5.87 17.44
N VAL A 58 -13.41 6.32 18.26
CA VAL A 58 -13.52 5.85 19.63
C VAL A 58 -13.78 4.34 19.68
N HIS A 59 -14.70 3.90 18.83
CA HIS A 59 -15.01 2.48 18.72
C HIS A 59 -13.86 1.70 18.12
N MET A 60 -13.12 2.32 17.19
CA MET A 60 -11.97 1.64 16.60
C MET A 60 -10.94 1.27 17.66
N ILE A 61 -10.74 2.14 18.65
CA ILE A 61 -9.79 1.84 19.73
C ILE A 61 -10.26 0.62 20.53
N ASN A 62 -11.55 0.57 20.85
CA ASN A 62 -12.09 -0.58 21.56
C ASN A 62 -11.89 -1.86 20.78
N TRP A 63 -12.11 -1.77 19.48
CA TRP A 63 -11.89 -2.88 18.56
C TRP A 63 -10.43 -3.33 18.56
N ALA A 64 -9.53 -2.36 18.36
CA ALA A 64 -8.10 -2.64 18.30
C ALA A 64 -7.65 -3.39 19.55
N LYS A 65 -8.12 -2.94 20.72
CA LYS A 65 -7.74 -3.59 21.98
C LYS A 65 -8.25 -5.03 22.07
N ARG A 66 -9.20 -5.40 21.22
CA ARG A 66 -9.74 -6.75 21.24
C ARG A 66 -9.22 -7.61 20.06
N VAL A 67 -8.37 -7.03 19.21
CA VAL A 67 -7.66 -7.82 18.20
C VAL A 67 -6.58 -8.64 18.89
N PRO A 68 -6.67 -9.97 18.78
CA PRO A 68 -5.72 -10.84 19.49
C PRO A 68 -4.27 -10.41 19.26
N GLY A 69 -3.54 -10.18 20.32
CA GLY A 69 -2.14 -9.78 20.22
C GLY A 69 -1.90 -8.29 20.44
N PHE A 70 -2.90 -7.47 20.16
CA PHE A 70 -2.75 -6.03 20.29
C PHE A 70 -2.52 -5.64 21.75
N VAL A 71 -3.18 -6.35 22.66
CA VAL A 71 -3.11 -6.02 24.08
C VAL A 71 -1.71 -6.28 24.63
N ASP A 72 -0.97 -7.17 23.98
CA ASP A 72 0.36 -7.55 24.48
C ASP A 72 1.41 -6.49 24.14
N LEU A 73 1.02 -5.50 23.35
CA LEU A 73 1.94 -4.45 22.95
C LEU A 73 2.03 -3.35 24.00
N THR A 74 3.18 -2.67 24.08
CA THR A 74 3.30 -1.50 24.93
C THR A 74 2.34 -0.42 24.44
N LEU A 75 1.98 0.52 25.31
CA LEU A 75 1.11 1.62 24.92
C LEU A 75 1.70 2.37 23.73
N HIS A 76 3.01 2.62 23.78
CA HIS A 76 3.71 3.32 22.71
C HIS A 76 3.47 2.68 21.35
N ASP A 77 3.65 1.36 21.29
CA ASP A 77 3.49 0.60 20.04
C ASP A 77 2.03 0.58 19.59
N GLN A 78 1.11 0.43 20.52
CA GLN A 78 -0.31 0.51 20.19
C GLN A 78 -0.64 1.87 19.55
N VAL A 79 -0.11 2.94 20.14
CA VAL A 79 -0.34 4.28 19.62
C VAL A 79 0.23 4.43 18.22
N HIS A 80 1.45 3.95 18.02
CA HIS A 80 2.09 4.07 16.70
C HIS A 80 1.28 3.36 15.62
N LEU A 81 0.82 2.14 15.88
CA LEU A 81 0.07 1.39 14.88
C LEU A 81 -1.24 2.11 14.53
N LEU A 82 -1.95 2.60 15.53
CA LEU A 82 -3.22 3.26 15.30
C LEU A 82 -3.05 4.60 14.56
N GLU A 83 -2.04 5.35 14.94
CA GLU A 83 -1.72 6.60 14.25
C GLU A 83 -1.41 6.38 12.78
N CYS A 84 -0.69 5.30 12.49
CA CYS A 84 -0.34 4.96 11.10
C CYS A 84 -1.55 4.52 10.28
N ALA A 85 -2.40 3.68 10.88
CA ALA A 85 -3.39 2.90 10.11
C ALA A 85 -4.82 3.42 10.21
N TRP A 86 -5.07 4.44 11.01
CA TRP A 86 -6.47 4.77 11.34
C TRP A 86 -7.34 5.06 10.11
N LEU A 87 -6.83 5.81 9.12
CA LEU A 87 -7.66 6.15 7.98
C LEU A 87 -7.82 4.94 7.05
N GLU A 88 -6.78 4.11 6.95
CA GLU A 88 -6.90 2.85 6.23
C GLU A 88 -8.04 2.03 6.81
N ILE A 89 -8.09 1.98 8.14
CA ILE A 89 -9.09 1.16 8.83
C ILE A 89 -10.50 1.74 8.65
N LEU A 90 -10.64 3.06 8.75
CA LEU A 90 -11.93 3.66 8.44
C LEU A 90 -12.33 3.36 7.00
N MET A 91 -11.38 3.44 6.08
CA MET A 91 -11.66 3.23 4.66
C MET A 91 -12.00 1.79 4.30
N ILE A 92 -11.30 0.82 4.89
CA ILE A 92 -11.67 -0.56 4.56
C ILE A 92 -13.07 -0.84 5.11
N GLY A 93 -13.41 -0.25 6.25
CA GLY A 93 -14.75 -0.40 6.81
C GLY A 93 -15.80 0.19 5.89
N LEU A 94 -15.56 1.43 5.45
CA LEU A 94 -16.41 2.10 4.48
C LEU A 94 -16.64 1.25 3.23
N VAL A 95 -15.54 0.76 2.65
CA VAL A 95 -15.60 -0.06 1.46
C VAL A 95 -16.41 -1.33 1.71
N TRP A 96 -16.20 -1.95 2.87
CA TRP A 96 -16.93 -3.16 3.21
C TRP A 96 -18.43 -2.87 3.33
N ARG A 97 -18.81 -1.78 4.00
CA ARG A 97 -20.21 -1.43 4.15
C ARG A 97 -20.87 -1.11 2.82
N SER A 98 -20.07 -0.69 1.84
CA SER A 98 -20.61 -0.26 0.55
C SER A 98 -20.69 -1.37 -0.47
N MET A 99 -20.20 -2.55 -0.09
CA MET A 99 -20.07 -3.67 -1.04
C MET A 99 -21.36 -3.97 -1.79
N GLU A 100 -22.47 -4.00 -1.06
CA GLU A 100 -23.76 -4.35 -1.67
C GLU A 100 -24.49 -3.14 -2.21
N HIS A 101 -23.79 -2.01 -2.30
CA HIS A 101 -24.39 -0.81 -2.87
C HIS A 101 -23.54 -0.26 -4.02
N PRO A 102 -23.55 -0.97 -5.17
CA PRO A 102 -22.73 -0.58 -6.34
C PRO A 102 -22.92 0.89 -6.68
N GLY A 103 -21.82 1.63 -6.81
CA GLY A 103 -21.91 3.01 -7.24
C GLY A 103 -22.09 3.98 -6.09
N LYS A 104 -22.21 3.45 -4.88
CA LYS A 104 -22.44 4.28 -3.71
C LYS A 104 -21.48 3.98 -2.58
N LEU A 105 -21.23 5.00 -1.76
CA LEU A 105 -20.47 4.81 -0.53
C LEU A 105 -21.39 4.94 0.69
N LEU A 106 -21.53 3.84 1.43
CA LEU A 106 -22.38 3.89 2.62
C LEU A 106 -21.56 4.35 3.81
N PHE A 107 -21.44 5.66 3.98
CA PHE A 107 -20.72 6.19 5.12
C PHE A 107 -21.46 5.82 6.39
N ALA A 108 -22.79 5.89 6.32
CA ALA A 108 -23.68 5.45 7.39
C ALA A 108 -24.98 4.97 6.73
N PRO A 109 -25.83 4.26 7.49
CA PRO A 109 -27.10 3.82 6.87
C PRO A 109 -27.95 4.99 6.38
N ASN A 110 -27.85 6.15 7.04
CA ASN A 110 -28.59 7.33 6.60
C ASN A 110 -27.67 8.32 5.89
N LEU A 111 -26.51 7.83 5.45
CA LEU A 111 -25.60 8.68 4.68
C LEU A 111 -24.95 7.83 3.58
N LEU A 112 -25.75 7.59 2.54
CA LEU A 112 -25.37 6.85 1.34
C LEU A 112 -25.08 7.84 0.21
N LEU A 113 -23.84 7.91 -0.26
CA LEU A 113 -23.45 8.95 -1.21
C LEU A 113 -22.94 8.37 -2.54
N ASP A 114 -23.18 9.08 -3.64
CA ASP A 114 -22.60 8.69 -4.93
C ASP A 114 -21.45 9.62 -5.29
N ARG A 115 -20.82 9.39 -6.45
CA ARG A 115 -19.61 10.13 -6.80
C ARG A 115 -19.91 11.59 -7.11
N ASN A 116 -21.11 11.86 -7.60
CA ASN A 116 -21.51 13.24 -7.89
C ASN A 116 -21.56 14.07 -6.62
N GLN A 117 -21.82 13.42 -5.50
CA GLN A 117 -21.86 14.12 -4.22
C GLN A 117 -20.44 14.27 -3.69
N GLY A 118 -19.52 13.52 -4.28
CA GLY A 118 -18.11 13.70 -3.99
C GLY A 118 -17.61 15.03 -4.55
N LYS A 119 -18.23 15.46 -5.65
CA LYS A 119 -17.87 16.74 -6.26
C LYS A 119 -18.28 17.93 -5.40
N CYS A 120 -19.05 17.67 -4.34
CA CYS A 120 -19.46 18.72 -3.42
C CYS A 120 -18.25 19.32 -2.70
N VAL A 121 -17.22 18.49 -2.54
CA VAL A 121 -15.99 18.92 -1.92
C VAL A 121 -14.86 18.87 -2.95
N GLU A 122 -14.14 19.98 -3.08
CA GLU A 122 -13.06 20.10 -4.05
C GLU A 122 -12.00 19.01 -3.84
N GLY A 123 -11.82 18.18 -4.87
CA GLY A 123 -10.75 17.19 -4.87
C GLY A 123 -11.08 15.89 -4.17
N MET A 124 -12.35 15.65 -3.90
CA MET A 124 -12.73 14.45 -3.17
C MET A 124 -13.27 13.35 -4.08
N VAL A 125 -13.86 13.76 -5.20
CA VAL A 125 -14.42 12.79 -6.14
C VAL A 125 -13.36 11.79 -6.64
N GLU A 126 -12.09 12.21 -6.72
CA GLU A 126 -11.03 11.29 -7.12
C GLU A 126 -10.88 10.20 -6.09
N ILE A 127 -10.94 10.58 -4.82
CA ILE A 127 -10.84 9.60 -3.74
C ILE A 127 -12.09 8.74 -3.67
N PHE A 128 -13.27 9.35 -3.87
CA PHE A 128 -14.52 8.60 -3.93
C PHE A 128 -14.44 7.50 -4.98
N ASP A 129 -13.91 7.86 -6.15
CA ASP A 129 -13.78 6.92 -7.26
C ASP A 129 -12.90 5.72 -6.90
N MET A 130 -11.81 5.96 -6.18
CA MET A 130 -10.93 4.88 -5.74
C MET A 130 -11.65 3.98 -4.76
N LEU A 131 -12.42 4.61 -3.87
CA LEU A 131 -13.13 3.87 -2.84
C LEU A 131 -14.17 2.98 -3.51
N LEU A 132 -14.90 3.56 -4.46
CA LEU A 132 -15.90 2.80 -5.22
C LEU A 132 -15.26 1.63 -5.96
N ALA A 133 -14.08 1.87 -6.53
CA ALA A 133 -13.40 0.82 -7.30
C ALA A 133 -13.03 -0.35 -6.40
N THR A 134 -12.60 -0.03 -5.18
CA THR A 134 -12.25 -1.05 -4.20
C THR A 134 -13.47 -1.86 -3.78
N SER A 135 -14.56 -1.17 -3.46
CA SER A 135 -15.81 -1.81 -3.09
C SER A 135 -16.29 -2.75 -4.19
N SER A 136 -16.19 -2.29 -5.43
CA SER A 136 -16.60 -3.09 -6.58
C SER A 136 -15.72 -4.33 -6.66
N ARG A 137 -14.44 -4.17 -6.33
CA ARG A 137 -13.50 -5.28 -6.36
C ARG A 137 -13.88 -6.31 -5.31
N PHE A 138 -14.17 -5.85 -4.09
CA PHE A 138 -14.59 -6.75 -3.02
C PHE A 138 -15.88 -7.47 -3.41
N ARG A 139 -16.80 -6.74 -4.02
CA ARG A 139 -18.07 -7.31 -4.45
CA ARG A 139 -18.07 -7.33 -4.43
C ARG A 139 -17.85 -8.44 -5.46
N MET A 140 -17.02 -8.18 -6.46
CA MET A 140 -16.80 -9.17 -7.50
C MET A 140 -16.07 -10.40 -6.98
N MET A 141 -15.26 -10.19 -5.95
CA MET A 141 -14.52 -11.28 -5.30
C MET A 141 -15.37 -12.03 -4.29
N ASN A 142 -16.58 -11.52 -4.06
CA ASN A 142 -17.47 -12.06 -3.03
CA ASN A 142 -17.47 -12.07 -3.03
C ASN A 142 -16.76 -12.16 -1.69
N LEU A 143 -16.19 -11.03 -1.27
CA LEU A 143 -15.49 -10.98 0.00
C LEU A 143 -16.43 -11.36 1.12
N GLN A 144 -15.98 -12.22 2.04
CA GLN A 144 -16.80 -12.67 3.14
C GLN A 144 -16.49 -11.88 4.40
N GLY A 145 -17.47 -11.76 5.29
CA GLY A 145 -17.28 -11.01 6.52
C GLY A 145 -16.08 -11.52 7.29
N GLU A 146 -15.91 -12.84 7.30
CA GLU A 146 -14.78 -13.47 8.00
C GLU A 146 -13.43 -13.06 7.39
N GLU A 147 -13.41 -12.87 6.08
CA GLU A 147 -12.18 -12.44 5.40
C GLU A 147 -11.90 -10.97 5.67
N PHE A 148 -12.96 -10.19 5.63
CA PHE A 148 -12.88 -8.77 5.95
C PHE A 148 -12.25 -8.47 7.30
N VAL A 149 -12.69 -9.12 8.37
CA VAL A 149 -12.15 -8.78 9.69
C VAL A 149 -10.69 -9.20 9.78
N CYS A 150 -10.31 -10.27 9.09
CA CYS A 150 -8.91 -10.63 9.01
C CYS A 150 -8.08 -9.55 8.33
N LEU A 151 -8.55 -9.07 7.18
CA LEU A 151 -7.85 -8.01 6.44
C LEU A 151 -7.70 -6.75 7.27
N LYS A 152 -8.78 -6.38 7.97
CA LYS A 152 -8.75 -5.17 8.76
C LYS A 152 -7.76 -5.26 9.92
N SER A 153 -7.71 -6.41 10.58
CA SER A 153 -6.71 -6.63 11.61
C SER A 153 -5.30 -6.60 11.04
N ILE A 154 -5.13 -7.15 9.85
CA ILE A 154 -3.83 -7.13 9.19
C ILE A 154 -3.34 -5.69 8.98
N ILE A 155 -4.22 -4.82 8.48
CA ILE A 155 -3.88 -3.40 8.36
C ILE A 155 -3.39 -2.83 9.68
N LEU A 156 -4.15 -3.03 10.75
CA LEU A 156 -3.78 -2.52 12.06
C LEU A 156 -2.34 -2.88 12.42
N LEU A 157 -1.99 -4.14 12.23
CA LEU A 157 -0.70 -4.64 12.70
C LEU A 157 0.43 -4.36 11.72
N ASN A 158 0.10 -4.31 10.45
CA ASN A 158 1.16 -4.23 9.44
C ASN A 158 1.58 -2.81 9.06
N SER A 159 0.63 -1.89 8.99
CA SER A 159 0.91 -0.62 8.31
C SER A 159 2.01 0.16 9.02
N GLY A 160 2.02 0.11 10.34
CA GLY A 160 3.06 0.81 11.07
C GLY A 160 4.27 0.00 11.47
N VAL A 161 4.29 -1.29 11.16
CA VAL A 161 5.32 -2.17 11.73
C VAL A 161 6.74 -1.91 11.19
N TYR A 162 6.87 -1.25 10.04
CA TYR A 162 8.20 -0.95 9.51
C TYR A 162 8.75 0.40 9.97
N THR A 163 7.94 1.13 10.74
CA THR A 163 8.33 2.48 11.13
C THR A 163 8.52 2.62 12.64
N PHE A 164 8.78 1.51 13.31
CA PHE A 164 9.13 1.55 14.72
C PHE A 164 10.56 2.03 14.90
N LYS A 175 7.66 -5.65 15.94
CA LYS A 175 8.77 -6.59 15.81
C LYS A 175 8.27 -8.04 15.69
N ASP A 176 8.97 -8.95 16.37
CA ASP A 176 8.74 -10.37 16.17
C ASP A 176 7.33 -10.80 16.58
N HIS A 177 6.87 -10.32 17.74
CA HIS A 177 5.52 -10.63 18.19
C HIS A 177 4.47 -10.26 17.14
N ILE A 178 4.54 -9.04 16.64
CA ILE A 178 3.58 -8.57 15.64
C ILE A 178 3.57 -9.46 14.39
N HIS A 179 4.76 -9.86 13.95
CA HIS A 179 4.86 -10.72 12.78
C HIS A 179 4.33 -12.14 13.03
N ARG A 180 4.51 -12.64 14.25
CA ARG A 180 3.94 -13.94 14.62
C ARG A 180 2.40 -13.85 14.61
N VAL A 181 1.87 -12.71 15.04
CA VAL A 181 0.42 -12.53 15.05
C VAL A 181 -0.09 -12.41 13.63
N LEU A 182 0.59 -11.60 12.82
CA LEU A 182 0.30 -11.50 11.40
C LEU A 182 0.30 -12.87 10.71
N ASP A 183 1.26 -13.72 11.08
CA ASP A 183 1.32 -15.08 10.54
C ASP A 183 0.07 -15.88 10.93
N LYS A 184 -0.34 -15.75 12.18
CA LYS A 184 -1.56 -16.41 12.67
C LYS A 184 -2.78 -15.96 11.90
N ILE A 185 -2.82 -14.68 11.52
CA ILE A 185 -3.94 -14.17 10.76
C ILE A 185 -3.91 -14.73 9.32
N THR A 186 -2.72 -14.85 8.73
CA THR A 186 -2.59 -15.52 7.44
C THR A 186 -3.16 -16.95 7.50
N ASP A 187 -2.72 -17.71 8.52
CA ASP A 187 -3.20 -19.08 8.73
C ASP A 187 -4.72 -19.11 8.73
N THR A 188 -5.29 -18.12 9.42
CA THR A 188 -6.73 -18.02 9.61
C THR A 188 -7.44 -17.78 8.29
N LEU A 189 -6.91 -16.85 7.51
CA LEU A 189 -7.44 -16.54 6.18
C LEU A 189 -7.42 -17.78 5.27
N ILE A 190 -6.34 -18.56 5.33
CA ILE A 190 -6.22 -19.77 4.53
C ILE A 190 -7.24 -20.83 5.00
N HIS A 191 -7.33 -21.01 6.31
CA HIS A 191 -8.31 -21.90 6.90
C HIS A 191 -9.72 -21.57 6.43
N LEU A 192 -10.04 -20.28 6.40
CA LEU A 192 -11.36 -19.82 5.95
C LEU A 192 -11.61 -20.23 4.50
N MET A 193 -10.59 -20.06 3.67
CA MET A 193 -10.69 -20.36 2.25
C MET A 193 -10.79 -21.86 2.00
N ALA A 194 -10.00 -22.64 2.73
CA ALA A 194 -10.12 -24.08 2.64
C ALA A 194 -11.53 -24.53 3.07
N LYS A 195 -12.03 -23.93 4.16
CA LYS A 195 -13.36 -24.24 4.67
C LYS A 195 -14.43 -23.90 3.64
N ALA A 196 -14.18 -22.88 2.82
CA ALA A 196 -15.14 -22.47 1.77
C ALA A 196 -15.08 -23.39 0.56
N GLY A 197 -14.11 -24.28 0.54
CA GLY A 197 -14.02 -25.27 -0.51
C GLY A 197 -13.04 -24.93 -1.61
N LEU A 198 -12.21 -23.93 -1.40
CA LEU A 198 -11.21 -23.55 -2.39
C LEU A 198 -10.09 -24.59 -2.45
N THR A 199 -9.61 -24.87 -3.67
CA THR A 199 -8.42 -25.70 -3.84
C THR A 199 -7.23 -24.98 -3.28
N LEU A 200 -6.16 -25.71 -3.00
CA LEU A 200 -4.92 -25.08 -2.52
C LEU A 200 -4.46 -23.94 -3.46
N GLN A 201 -4.52 -24.17 -4.77
CA GLN A 201 -4.12 -23.13 -5.71
C GLN A 201 -5.03 -21.92 -5.59
N GLN A 202 -6.33 -22.16 -5.47
CA GLN A 202 -7.27 -21.06 -5.34
C GLN A 202 -7.05 -20.32 -4.02
N GLN A 203 -6.65 -21.06 -2.99
CA GLN A 203 -6.38 -20.46 -1.69
C GLN A 203 -5.23 -19.46 -1.75
N HIS A 204 -4.10 -19.83 -2.35
CA HIS A 204 -2.98 -18.90 -2.34
CA HIS A 204 -2.94 -18.95 -2.42
C HIS A 204 -3.22 -17.76 -3.33
N GLN A 205 -3.92 -18.02 -4.43
CA GLN A 205 -4.26 -16.94 -5.34
C GLN A 205 -5.18 -15.92 -4.68
N ARG A 206 -6.15 -16.38 -3.90
CA ARG A 206 -7.09 -15.47 -3.29
C ARG A 206 -6.43 -14.66 -2.18
N LEU A 207 -5.56 -15.33 -1.44
CA LEU A 207 -4.79 -14.67 -0.38
C LEU A 207 -4.00 -13.51 -0.96
N ALA A 208 -3.29 -13.79 -2.05
CA ALA A 208 -2.55 -12.76 -2.79
C ALA A 208 -3.45 -11.62 -3.24
N GLN A 209 -4.59 -11.97 -3.86
CA GLN A 209 -5.50 -10.97 -4.40
C GLN A 209 -5.96 -10.01 -3.31
N LEU A 210 -6.33 -10.56 -2.15
CA LEU A 210 -6.80 -9.74 -1.03
C LEU A 210 -5.68 -8.85 -0.48
N LEU A 211 -4.49 -9.44 -0.29
CA LEU A 211 -3.40 -8.67 0.30
C LEU A 211 -2.90 -7.57 -0.66
N LEU A 212 -3.05 -7.79 -1.97
CA LEU A 212 -2.67 -6.74 -2.92
C LEU A 212 -3.62 -5.54 -2.83
N ILE A 213 -4.87 -5.80 -2.46
CA ILE A 213 -5.84 -4.72 -2.33
C ILE A 213 -5.40 -3.79 -1.18
N LEU A 214 -4.72 -4.34 -0.18
CA LEU A 214 -4.25 -3.52 0.94
C LEU A 214 -3.27 -2.45 0.46
N SER A 215 -2.56 -2.71 -0.61
CA SER A 215 -1.65 -1.71 -1.17
C SER A 215 -2.46 -0.54 -1.73
N HIS A 216 -3.62 -0.82 -2.34
CA HIS A 216 -4.46 0.25 -2.84
CA HIS A 216 -4.46 0.25 -2.84
C HIS A 216 -5.11 1.02 -1.70
N ILE A 217 -5.43 0.31 -0.63
CA ILE A 217 -6.03 0.96 0.53
C ILE A 217 -5.02 1.90 1.16
N ARG A 218 -3.77 1.47 1.21
CA ARG A 218 -2.70 2.36 1.67
C ARG A 218 -2.62 3.64 0.82
N HIS A 219 -2.68 3.48 -0.51
CA HIS A 219 -2.64 4.61 -1.44
C HIS A 219 -3.79 5.59 -1.15
N MET A 220 -4.98 5.04 -0.97
CA MET A 220 -6.16 5.87 -0.72
C MET A 220 -6.02 6.63 0.60
N SER A 221 -5.52 5.96 1.62
CA SER A 221 -5.29 6.61 2.90
C SER A 221 -4.29 7.75 2.76
N ASN A 222 -3.25 7.54 1.99
CA ASN A 222 -2.27 8.61 1.80
C ASN A 222 -2.84 9.78 1.04
N LYS A 223 -3.64 9.50 0.02
CA LYS A 223 -4.29 10.55 -0.73
C LYS A 223 -5.25 11.29 0.18
N GLY A 224 -6.02 10.52 0.95
CA GLY A 224 -6.97 11.09 1.89
C GLY A 224 -6.30 11.96 2.93
N MET A 225 -5.13 11.53 3.41
CA MET A 225 -4.46 12.24 4.48
C MET A 225 -3.99 13.62 3.99
N GLU A 226 -3.53 13.68 2.74
CA GLU A 226 -3.13 14.96 2.17
C GLU A 226 -4.37 15.85 1.98
N HIS A 227 -5.47 15.25 1.56
CA HIS A 227 -6.71 16.00 1.36
C HIS A 227 -7.19 16.60 2.70
N LEU A 228 -7.11 15.82 3.76
CA LEU A 228 -7.46 16.26 5.10
C LEU A 228 -6.61 17.42 5.59
N TYR A 229 -5.30 17.25 5.47
CA TYR A 229 -4.37 18.31 5.85
C TYR A 229 -4.70 19.60 5.08
N SER A 230 -4.94 19.45 3.78
CA SER A 230 -5.31 20.55 2.90
C SER A 230 -6.57 21.24 3.41
N MET A 231 -7.52 20.44 3.87
CA MET A 231 -8.74 20.92 4.46
C MET A 231 -8.53 21.57 5.81
N LYS A 232 -7.58 21.06 6.58
CA LYS A 232 -7.22 21.67 7.86
C LYS A 232 -6.65 23.06 7.64
N CYS A 233 -5.74 23.18 6.68
CA CYS A 233 -5.08 24.45 6.39
C CYS A 233 -6.05 25.47 5.82
N LYS A 234 -6.99 24.99 5.01
CA LYS A 234 -7.97 25.88 4.37
C LYS A 234 -9.06 26.28 5.35
N ASN A 235 -9.06 25.67 6.53
CA ASN A 235 -10.06 25.91 7.57
C ASN A 235 -11.49 25.74 7.08
N VAL A 236 -11.72 24.71 6.27
CA VAL A 236 -13.05 24.40 5.77
C VAL A 236 -13.91 23.79 6.89
N VAL A 237 -13.29 22.93 7.69
CA VAL A 237 -13.99 22.27 8.78
C VAL A 237 -13.16 22.30 10.06
N PRO A 238 -13.80 22.60 11.18
CA PRO A 238 -13.11 22.40 12.46
C PRO A 238 -12.91 20.91 12.72
N LEU A 239 -11.66 20.47 12.72
CA LEU A 239 -11.36 19.09 13.07
C LEU A 239 -11.31 18.93 14.59
N SER A 240 -11.72 17.77 15.08
CA SER A 240 -11.70 17.50 16.52
C SER A 240 -10.26 17.38 17.00
N ASP A 241 -10.02 17.62 18.28
CA ASP A 241 -8.65 17.52 18.79
C ASP A 241 -8.03 16.14 18.56
N LEU A 242 -8.84 15.09 18.75
CA LEU A 242 -8.38 13.74 18.46
C LEU A 242 -7.98 13.59 17.00
N LEU A 243 -8.80 14.09 16.11
CA LEU A 243 -8.52 13.98 14.70
C LEU A 243 -7.28 14.78 14.38
N LEU A 244 -7.18 15.95 14.97
CA LEU A 244 -5.99 16.75 14.76
C LEU A 244 -4.72 15.98 15.14
N GLU A 245 -4.81 15.21 16.21
CA GLU A 245 -3.65 14.47 16.72
C GLU A 245 -3.33 13.27 15.81
N MET A 246 -4.37 12.60 15.32
CA MET A 246 -4.19 11.48 14.40
C MET A 246 -3.59 11.97 13.08
N LEU A 247 -4.09 13.11 12.62
CA LEU A 247 -3.59 13.76 11.42
C LEU A 247 -2.13 14.21 11.60
N ASP A 248 -1.83 14.79 12.76
CA ASP A 248 -0.50 15.33 13.02
C ASP A 248 0.58 14.24 13.06
N ALA A 249 0.16 13.01 13.31
CA ALA A 249 1.08 11.86 13.34
C ALA A 249 1.72 11.61 11.98
N HIS A 250 1.05 12.02 10.92
CA HIS A 250 1.55 11.75 9.57
C HIS A 250 2.45 12.88 9.07
N ARG A 251 2.66 13.89 9.92
CA ARG A 251 3.61 14.97 9.67
C ARG A 251 3.41 15.65 8.32
N LEU B 9 0.39 -15.94 -24.43
CA LEU B 9 1.71 -16.50 -24.21
C LEU B 9 2.09 -16.51 -22.73
N ALA B 10 1.79 -15.41 -22.03
CA ALA B 10 2.12 -15.28 -20.63
C ALA B 10 1.49 -16.36 -19.76
N LEU B 11 0.28 -16.77 -20.12
CA LEU B 11 -0.43 -17.73 -19.29
C LEU B 11 -0.05 -19.17 -19.63
N SER B 12 0.70 -19.35 -20.71
CA SER B 12 1.14 -20.68 -21.11
C SER B 12 2.55 -20.95 -20.60
N LEU B 13 3.01 -20.10 -19.68
CA LEU B 13 4.34 -20.24 -19.09
C LEU B 13 4.30 -21.10 -17.84
N THR B 14 5.25 -22.02 -17.72
CA THR B 14 5.45 -22.76 -16.48
C THR B 14 6.12 -21.84 -15.46
N ALA B 15 6.04 -22.21 -14.19
CA ALA B 15 6.63 -21.41 -13.12
C ALA B 15 8.11 -21.14 -13.38
N ASP B 16 8.85 -22.19 -13.73
CA ASP B 16 10.28 -22.06 -14.03
C ASP B 16 10.53 -21.11 -15.19
N GLN B 17 9.70 -21.23 -16.23
CA GLN B 17 9.82 -20.34 -17.40
C GLN B 17 9.52 -18.89 -17.03
N MET B 18 8.51 -18.69 -16.19
CA MET B 18 8.22 -17.36 -15.67
C MET B 18 9.44 -16.78 -14.96
N VAL B 19 10.03 -17.56 -14.05
CA VAL B 19 11.21 -17.10 -13.32
C VAL B 19 12.37 -16.82 -14.27
N SER B 20 12.62 -17.72 -15.22
CA SER B 20 13.76 -17.50 -16.11
C SER B 20 13.52 -16.24 -16.95
N ALA B 21 12.28 -16.01 -17.36
CA ALA B 21 11.95 -14.83 -18.17
C ALA B 21 12.17 -13.54 -17.38
N LEU B 22 11.70 -13.50 -16.14
CA LEU B 22 11.88 -12.33 -15.31
C LEU B 22 13.36 -12.07 -15.01
N LEU B 23 14.09 -13.12 -14.67
CA LEU B 23 15.50 -12.95 -14.34
C LEU B 23 16.26 -12.37 -15.53
N ASP B 24 15.99 -12.89 -16.71
CA ASP B 24 16.70 -12.44 -17.89
C ASP B 24 16.39 -10.98 -18.22
N ALA B 25 15.19 -10.54 -17.85
CA ALA B 25 14.76 -9.18 -18.18
C ALA B 25 15.35 -8.12 -17.26
N GLU B 26 16.07 -8.55 -16.22
CA GLU B 26 16.55 -7.62 -15.19
C GLU B 26 17.36 -6.48 -15.79
N PRO B 27 17.07 -5.24 -15.37
CA PRO B 27 17.86 -4.12 -15.87
C PRO B 27 19.25 -4.13 -15.25
N PRO B 28 20.23 -3.50 -15.88
CA PRO B 28 21.58 -3.47 -15.31
C PRO B 28 21.68 -2.51 -14.15
N ILE B 29 22.73 -2.60 -13.35
CA ILE B 29 22.90 -1.66 -12.25
C ILE B 29 23.68 -0.45 -12.74
N LEU B 30 23.02 0.71 -12.80
CA LEU B 30 23.66 1.90 -13.34
C LEU B 30 24.58 2.61 -12.33
N TYR B 31 25.56 3.33 -12.84
CA TYR B 31 26.43 4.15 -11.99
C TYR B 31 25.89 5.58 -11.91
N SER B 32 26.17 6.27 -10.82
CA SER B 32 25.88 7.69 -10.73
C SER B 32 27.07 8.50 -11.22
N GLU B 33 26.87 9.80 -11.39
CA GLU B 33 27.96 10.69 -11.81
C GLU B 33 28.63 11.32 -10.59
N TYR B 34 28.46 10.67 -9.44
CA TYR B 34 29.02 11.13 -8.19
C TYR B 34 30.52 11.41 -8.27
N ASP B 35 30.89 12.67 -8.09
CA ASP B 35 32.28 13.05 -7.95
C ASP B 35 32.57 13.19 -6.46
N PRO B 36 33.28 12.20 -5.89
CA PRO B 36 33.54 12.14 -4.44
C PRO B 36 34.36 13.32 -3.92
N THR B 37 34.93 14.10 -4.82
CA THR B 37 35.68 15.28 -4.43
C THR B 37 34.73 16.46 -4.20
N ARG B 38 33.58 16.42 -4.89
CA ARG B 38 32.60 17.50 -4.80
C ARG B 38 31.83 17.44 -3.47
N PRO B 39 31.98 18.47 -2.63
CA PRO B 39 31.22 18.50 -1.39
C PRO B 39 29.73 18.47 -1.67
N PHE B 40 28.98 17.66 -0.92
CA PHE B 40 27.53 17.58 -1.10
C PHE B 40 26.82 18.89 -0.78
N SER B 41 25.75 19.14 -1.52
CA SER B 41 24.77 20.14 -1.16
C SER B 41 23.39 19.52 -1.39
N GLU B 42 22.34 20.21 -0.95
CA GLU B 42 20.99 19.74 -1.21
C GLU B 42 20.78 19.64 -2.72
N ALA B 43 21.24 20.66 -3.44
CA ALA B 43 21.06 20.69 -4.89
C ALA B 43 21.78 19.55 -5.60
N SER B 44 23.04 19.29 -5.25
CA SER B 44 23.82 18.29 -5.95
C SER B 44 23.33 16.87 -5.62
N MET B 45 22.97 16.64 -4.37
CA MET B 45 22.44 15.31 -4.05
C MET B 45 21.15 15.06 -4.80
N MET B 46 20.24 16.04 -4.80
CA MET B 46 18.99 15.87 -5.54
C MET B 46 19.29 15.72 -7.02
N GLY B 47 20.32 16.44 -7.49
CA GLY B 47 20.79 16.32 -8.86
C GLY B 47 21.27 14.93 -9.19
N LEU B 48 22.07 14.34 -8.31
CA LEU B 48 22.58 12.98 -8.49
C LEU B 48 21.46 11.94 -8.53
N LEU B 49 20.51 12.04 -7.61
CA LEU B 49 19.46 11.05 -7.54
C LEU B 49 18.54 11.16 -8.75
N THR B 50 18.27 12.39 -9.17
CA THR B 50 17.42 12.63 -10.33
C THR B 50 18.09 12.15 -11.62
N ASN B 51 19.36 12.49 -11.79
CA ASN B 51 20.12 12.03 -12.96
C ASN B 51 20.13 10.51 -13.04
N LEU B 52 20.38 9.85 -11.91
CA LEU B 52 20.37 8.39 -11.86
C LEU B 52 18.98 7.84 -12.19
N ALA B 53 17.97 8.34 -11.50
CA ALA B 53 16.62 7.84 -11.69
C ALA B 53 16.19 7.99 -13.16
N ASP B 54 16.57 9.09 -13.78
CA ASP B 54 16.20 9.37 -15.16
C ASP B 54 16.77 8.32 -16.11
N ARG B 55 18.04 7.95 -15.90
CA ARG B 55 18.64 6.91 -16.74
C ARG B 55 18.02 5.55 -16.44
N GLU B 56 17.67 5.28 -15.18
CA GLU B 56 17.02 4.01 -14.81
C GLU B 56 15.65 3.82 -15.43
N LEU B 57 14.91 4.92 -15.58
CA LEU B 57 13.58 4.89 -16.18
C LEU B 57 13.60 4.35 -17.62
N VAL B 58 14.62 4.68 -18.38
CA VAL B 58 14.70 4.19 -19.76
C VAL B 58 14.84 2.67 -19.73
N HIS B 59 15.67 2.17 -18.82
CA HIS B 59 15.83 0.73 -18.66
C HIS B 59 14.57 0.08 -18.10
N MET B 60 13.86 0.79 -17.25
CA MET B 60 12.63 0.26 -16.66
C MET B 60 11.55 0.05 -17.72
N ILE B 61 11.46 1.01 -18.64
CA ILE B 61 10.47 0.95 -19.69
C ILE B 61 10.71 -0.26 -20.55
N ASN B 62 11.96 -0.51 -20.91
CA ASN B 62 12.27 -1.66 -21.74
C ASN B 62 12.18 -2.97 -20.93
N TRP B 63 12.43 -2.90 -19.62
CA TRP B 63 12.18 -4.04 -18.74
C TRP B 63 10.70 -4.42 -18.74
N ALA B 64 9.83 -3.43 -18.56
CA ALA B 64 8.40 -3.68 -18.44
C ALA B 64 7.88 -4.45 -19.66
N LYS B 65 8.39 -4.08 -20.84
CA LYS B 65 7.97 -4.73 -22.08
C LYS B 65 8.29 -6.22 -22.07
N ARG B 66 9.24 -6.63 -21.22
CA ARG B 66 9.64 -8.03 -21.14
C ARG B 66 8.94 -8.77 -20.01
N VAL B 67 8.09 -8.06 -19.27
CA VAL B 67 7.32 -8.70 -18.23
C VAL B 67 6.13 -9.41 -18.87
N PRO B 68 6.05 -10.73 -18.70
CA PRO B 68 5.02 -11.51 -19.40
C PRO B 68 3.63 -10.94 -19.20
N GLY B 69 2.90 -10.75 -20.29
CA GLY B 69 1.57 -10.18 -20.23
C GLY B 69 1.51 -8.67 -20.43
N PHE B 70 2.61 -7.96 -20.17
CA PHE B 70 2.57 -6.50 -20.21
C PHE B 70 2.29 -5.93 -21.62
N VAL B 71 2.92 -6.50 -22.64
CA VAL B 71 2.71 -6.02 -24.01
C VAL B 71 1.40 -6.48 -24.62
N ASP B 72 0.64 -7.31 -23.90
CA ASP B 72 -0.69 -7.69 -24.34
C ASP B 72 -1.66 -6.56 -24.07
N LEU B 73 -1.24 -5.63 -23.22
CA LEU B 73 -2.05 -4.48 -22.86
C LEU B 73 -2.03 -3.41 -23.94
N THR B 74 -3.06 -2.57 -23.99
CA THR B 74 -3.06 -1.40 -24.85
C THR B 74 -1.92 -0.48 -24.45
N LEU B 75 -1.51 0.39 -25.35
CA LEU B 75 -0.41 1.31 -25.04
C LEU B 75 -0.83 2.26 -23.93
N HIS B 76 -2.09 2.67 -23.93
CA HIS B 76 -2.56 3.59 -22.91
C HIS B 76 -2.58 2.91 -21.54
N ASP B 77 -2.92 1.62 -21.50
CA ASP B 77 -2.86 0.88 -20.24
C ASP B 77 -1.43 0.72 -19.76
N GLN B 78 -0.49 0.50 -20.69
CA GLN B 78 0.92 0.37 -20.32
C GLN B 78 1.42 1.68 -19.72
N VAL B 79 1.04 2.80 -20.33
CA VAL B 79 1.44 4.11 -19.87
C VAL B 79 0.94 4.37 -18.45
N HIS B 80 -0.32 4.03 -18.20
CA HIS B 80 -0.91 4.20 -16.87
C HIS B 80 -0.18 3.40 -15.79
N LEU B 81 0.09 2.12 -16.05
CA LEU B 81 0.73 1.28 -15.04
C LEU B 81 2.12 1.80 -14.66
N LEU B 82 2.90 2.20 -15.65
CA LEU B 82 4.23 2.72 -15.38
C LEU B 82 4.18 4.08 -14.71
N GLU B 83 3.21 4.90 -15.06
CA GLU B 83 3.02 6.19 -14.39
C GLU B 83 2.72 5.98 -12.90
N CYS B 84 1.83 5.03 -12.61
CA CYS B 84 1.52 4.72 -11.23
C CYS B 84 2.70 4.11 -10.46
N ALA B 85 3.42 3.19 -11.08
CA ALA B 85 4.35 2.33 -10.36
C ALA B 85 5.82 2.75 -10.41
N TRP B 86 6.18 3.76 -11.19
CA TRP B 86 7.61 3.96 -11.49
C TRP B 86 8.49 4.19 -10.26
N LEU B 87 8.03 4.97 -9.27
CA LEU B 87 8.85 5.20 -8.08
C LEU B 87 8.86 3.98 -7.14
N GLU B 88 7.72 3.29 -7.03
CA GLU B 88 7.69 2.03 -6.30
C GLU B 88 8.73 1.07 -6.85
N ILE B 89 8.85 1.04 -8.16
CA ILE B 89 9.75 0.11 -8.83
C ILE B 89 11.21 0.54 -8.63
N LEU B 90 11.49 1.83 -8.76
CA LEU B 90 12.83 2.33 -8.43
C LEU B 90 13.19 2.00 -6.99
N MET B 91 12.23 2.18 -6.08
CA MET B 91 12.49 2.01 -4.66
C MET B 91 12.69 0.54 -4.27
N ILE B 92 11.92 -0.38 -4.87
CA ILE B 92 12.12 -1.78 -4.50
C ILE B 92 13.46 -2.25 -5.06
N GLY B 93 13.84 -1.72 -6.22
CA GLY B 93 15.14 -1.98 -6.79
C GLY B 93 16.25 -1.49 -5.88
N LEU B 94 16.10 -0.27 -5.40
CA LEU B 94 17.03 0.32 -4.44
C LEU B 94 17.16 -0.49 -3.16
N VAL B 95 16.02 -0.89 -2.60
CA VAL B 95 16.00 -1.65 -1.35
C VAL B 95 16.68 -3.01 -1.55
N TRP B 96 16.46 -3.61 -2.71
CA TRP B 96 17.08 -4.87 -3.07
C TRP B 96 18.61 -4.74 -3.17
N ARG B 97 19.09 -3.72 -3.88
CA ARG B 97 20.54 -3.53 -4.01
C ARG B 97 21.20 -3.28 -2.66
N SER B 98 20.44 -2.79 -1.68
CA SER B 98 21.01 -2.33 -0.41
C SER B 98 21.00 -3.40 0.69
N MET B 99 20.35 -4.54 0.41
CA MET B 99 20.19 -5.62 1.38
C MET B 99 21.44 -5.95 2.17
N GLU B 100 22.55 -6.13 1.46
CA GLU B 100 23.78 -6.58 2.11
C GLU B 100 24.63 -5.40 2.57
N HIS B 101 24.02 -4.22 2.62
CA HIS B 101 24.68 -3.02 3.13
C HIS B 101 23.88 -2.36 4.24
N PRO B 102 23.88 -2.97 5.44
CA PRO B 102 23.12 -2.46 6.58
C PRO B 102 23.43 -1.00 6.87
N GLY B 103 22.39 -0.18 7.01
CA GLY B 103 22.58 1.20 7.37
C GLY B 103 22.93 2.09 6.20
N LYS B 104 22.92 1.52 4.99
CA LYS B 104 23.25 2.30 3.80
C LYS B 104 22.31 1.98 2.66
N LEU B 105 22.11 2.96 1.79
CA LEU B 105 21.32 2.77 0.60
C LEU B 105 22.24 2.83 -0.61
N LEU B 106 22.29 1.75 -1.39
CA LEU B 106 23.17 1.68 -2.55
C LEU B 106 22.42 2.18 -3.77
N PHE B 107 22.36 3.51 -3.93
CA PHE B 107 21.72 4.07 -5.11
C PHE B 107 22.46 3.58 -6.35
N ALA B 108 23.78 3.55 -6.25
CA ALA B 108 24.62 3.00 -7.32
C ALA B 108 25.86 2.40 -6.65
N PRO B 109 26.65 1.58 -7.38
CA PRO B 109 27.83 1.04 -6.72
C PRO B 109 28.78 2.12 -6.23
N ASN B 110 28.77 3.29 -6.86
CA ASN B 110 29.64 4.38 -6.44
C ASN B 110 28.88 5.44 -5.64
N LEU B 111 27.63 5.14 -5.30
CA LEU B 111 26.81 6.07 -4.53
C LEU B 111 26.07 5.35 -3.42
N LEU B 112 26.78 5.16 -2.32
CA LEU B 112 26.29 4.48 -1.15
C LEU B 112 26.05 5.53 -0.07
N LEU B 113 24.80 5.80 0.26
CA LEU B 113 24.47 6.86 1.22
C LEU B 113 23.93 6.31 2.52
N ASP B 114 24.29 6.95 3.64
CA ASP B 114 23.67 6.63 4.92
C ASP B 114 22.67 7.71 5.33
N ARG B 115 21.95 7.50 6.42
CA ARG B 115 20.90 8.44 6.80
C ARG B 115 21.45 9.82 7.12
N ASN B 116 22.69 9.89 7.59
CA ASN B 116 23.31 11.17 7.88
C ASN B 116 23.45 12.01 6.63
N GLN B 117 23.80 11.36 5.53
CA GLN B 117 23.93 12.06 4.26
C GLN B 117 22.56 12.40 3.71
N GLY B 118 21.55 11.60 4.08
CA GLY B 118 20.18 11.91 3.71
C GLY B 118 19.72 13.25 4.26
N LYS B 119 20.28 13.66 5.40
CA LYS B 119 19.91 14.93 6.01
C LYS B 119 20.45 16.12 5.23
N CYS B 120 21.25 15.86 4.19
CA CYS B 120 21.70 16.93 3.31
C CYS B 120 20.50 17.57 2.60
N VAL B 121 19.44 16.79 2.41
CA VAL B 121 18.23 17.26 1.77
C VAL B 121 17.08 17.36 2.78
N GLU B 122 16.51 18.55 2.90
CA GLU B 122 15.45 18.79 3.87
C GLU B 122 14.29 17.82 3.64
N GLY B 123 13.94 17.09 4.69
CA GLY B 123 12.80 16.18 4.65
C GLY B 123 13.06 14.82 4.00
N MET B 124 14.28 14.55 3.55
CA MET B 124 14.53 13.28 2.87
C MET B 124 14.92 12.16 3.83
N VAL B 125 15.45 12.51 5.00
CA VAL B 125 15.96 11.48 5.90
C VAL B 125 14.83 10.57 6.37
N GLU B 126 13.65 11.13 6.55
CA GLU B 126 12.50 10.34 6.99
C GLU B 126 12.22 9.24 5.96
N ILE B 127 12.44 9.55 4.68
CA ILE B 127 12.18 8.58 3.62
C ILE B 127 13.34 7.58 3.56
N PHE B 128 14.58 8.07 3.71
CA PHE B 128 15.73 7.19 3.83
C PHE B 128 15.52 6.15 4.92
N ASP B 129 15.02 6.60 6.08
CA ASP B 129 14.80 5.71 7.22
C ASP B 129 13.81 4.59 6.85
N MET B 130 12.74 4.94 6.14
CA MET B 130 11.75 3.93 5.74
C MET B 130 12.34 2.93 4.76
N LEU B 131 13.14 3.44 3.82
CA LEU B 131 13.81 2.57 2.84
C LEU B 131 14.80 1.64 3.50
N LEU B 132 15.58 2.18 4.44
CA LEU B 132 16.53 1.38 5.19
C LEU B 132 15.84 0.28 5.98
N ALA B 133 14.65 0.58 6.51
CA ALA B 133 13.93 -0.39 7.33
C ALA B 133 13.42 -1.53 6.46
N THR B 134 12.98 -1.20 5.24
CA THR B 134 12.53 -2.18 4.25
C THR B 134 13.70 -3.08 3.84
N SER B 135 14.86 -2.48 3.66
CA SER B 135 16.06 -3.24 3.33
C SER B 135 16.37 -4.22 4.46
N SER B 136 16.22 -3.75 5.70
CA SER B 136 16.41 -4.58 6.88
C SER B 136 15.45 -5.75 6.92
N ARG B 137 14.21 -5.48 6.51
CA ARG B 137 13.19 -6.50 6.49
C ARG B 137 13.52 -7.57 5.45
N PHE B 138 13.90 -7.13 4.24
CA PHE B 138 14.37 -8.04 3.20
C PHE B 138 15.51 -8.94 3.68
N ARG B 139 16.47 -8.33 4.37
CA ARG B 139 17.62 -9.04 4.89
C ARG B 139 17.20 -10.07 5.94
N MET B 140 16.32 -9.67 6.87
CA MET B 140 15.82 -10.57 7.89
C MET B 140 15.05 -11.75 7.28
N MET B 141 14.34 -11.48 6.19
CA MET B 141 13.55 -12.48 5.49
C MET B 141 14.37 -13.36 4.57
N ASN B 142 15.61 -12.94 4.32
CA ASN B 142 16.48 -13.60 3.35
C ASN B 142 15.79 -13.65 1.99
N LEU B 143 15.31 -12.51 1.54
CA LEU B 143 14.64 -12.41 0.24
C LEU B 143 15.54 -12.94 -0.86
N GLN B 144 15.00 -13.81 -1.70
CA GLN B 144 15.77 -14.36 -2.81
C GLN B 144 15.55 -13.56 -4.08
N GLY B 145 16.55 -13.58 -4.96
CA GLY B 145 16.48 -12.87 -6.22
C GLY B 145 15.24 -13.23 -7.03
N GLU B 146 14.90 -14.52 -7.04
CA GLU B 146 13.71 -14.98 -7.76
C GLU B 146 12.43 -14.40 -7.16
N GLU B 147 12.34 -14.32 -5.83
CA GLU B 147 11.20 -13.69 -5.19
C GLU B 147 11.14 -12.21 -5.51
N PHE B 148 12.30 -11.53 -5.46
CA PHE B 148 12.38 -10.11 -5.79
C PHE B 148 11.85 -9.76 -7.18
N VAL B 149 12.23 -10.52 -8.20
CA VAL B 149 11.76 -10.15 -9.55
C VAL B 149 10.26 -10.40 -9.69
N CYS B 150 9.73 -11.40 -8.98
CA CYS B 150 8.29 -11.62 -8.95
C CYS B 150 7.60 -10.41 -8.32
N LEU B 151 8.10 -9.98 -7.16
CA LEU B 151 7.52 -8.84 -6.45
C LEU B 151 7.54 -7.57 -7.29
N LYS B 152 8.65 -7.33 -7.98
CA LYS B 152 8.76 -6.14 -8.79
C LYS B 152 7.74 -6.19 -9.94
N SER B 153 7.54 -7.37 -10.52
CA SER B 153 6.56 -7.51 -11.59
C SER B 153 5.13 -7.35 -11.06
N ILE B 154 4.89 -7.85 -9.84
CA ILE B 154 3.58 -7.65 -9.20
C ILE B 154 3.29 -6.17 -9.08
N ILE B 155 4.26 -5.38 -8.62
CA ILE B 155 4.06 -3.93 -8.48
C ILE B 155 3.64 -3.29 -9.79
N LEU B 156 4.35 -3.63 -10.87
CA LEU B 156 4.06 -3.05 -12.17
C LEU B 156 2.61 -3.32 -12.57
N LEU B 157 2.15 -4.55 -12.38
CA LEU B 157 0.80 -4.92 -12.82
C LEU B 157 -0.30 -4.52 -11.85
N ASN B 158 0.03 -4.42 -10.57
CA ASN B 158 -0.99 -4.15 -9.56
C ASN B 158 -1.25 -2.69 -9.24
N SER B 159 -0.20 -1.88 -9.19
CA SER B 159 -0.30 -0.57 -8.56
C SER B 159 -1.28 0.40 -9.24
N GLY B 160 -1.49 0.22 -10.54
CA GLY B 160 -2.40 1.10 -11.25
C GLY B 160 -3.71 0.45 -11.67
N VAL B 161 -3.90 -0.81 -11.32
CA VAL B 161 -4.98 -1.62 -11.88
C VAL B 161 -6.38 -1.15 -11.46
N TYR B 162 -6.46 -0.32 -10.43
CA TYR B 162 -7.77 0.19 -9.97
C TYR B 162 -7.92 1.67 -10.21
N THR B 163 -7.14 2.22 -11.14
CA THR B 163 -7.27 3.63 -11.47
C THR B 163 -7.35 3.85 -12.97
N PHE B 164 -7.56 2.77 -13.73
CA PHE B 164 -7.86 2.88 -15.16
C PHE B 164 -9.19 3.58 -15.37
N LEU B 165 -9.37 4.19 -16.54
CA LEU B 165 -10.64 4.80 -16.91
C LEU B 165 -10.80 4.92 -18.42
N LYS B 170 -16.17 -0.61 -20.97
CA LYS B 170 -15.71 -1.24 -22.21
C LYS B 170 -14.95 -2.53 -21.94
N SER B 171 -13.87 -2.73 -22.70
CA SER B 171 -12.85 -3.78 -22.50
C SER B 171 -12.90 -4.57 -21.20
N LEU B 172 -12.06 -4.17 -20.25
CA LEU B 172 -12.00 -4.72 -18.89
C LEU B 172 -11.59 -6.20 -18.87
N GLU B 173 -11.57 -6.86 -20.04
CA GLU B 173 -10.87 -8.14 -20.18
C GLU B 173 -9.37 -7.86 -20.19
N GLU B 174 -9.04 -6.58 -20.33
CA GLU B 174 -7.67 -6.12 -20.21
C GLU B 174 -7.26 -6.17 -18.74
N LYS B 175 -8.17 -5.75 -17.87
CA LYS B 175 -7.95 -5.86 -16.43
C LYS B 175 -8.03 -7.31 -15.98
N ASP B 176 -8.97 -8.05 -16.56
CA ASP B 176 -9.11 -9.46 -16.26
C ASP B 176 -7.88 -10.23 -16.70
N HIS B 177 -7.27 -9.80 -17.80
CA HIS B 177 -6.02 -10.39 -18.24
C HIS B 177 -4.92 -10.12 -17.21
N ILE B 178 -4.85 -8.88 -16.75
CA ILE B 178 -3.86 -8.48 -15.74
C ILE B 178 -3.99 -9.33 -14.47
N HIS B 179 -5.23 -9.56 -14.05
CA HIS B 179 -5.47 -10.34 -12.85
C HIS B 179 -5.02 -11.79 -13.04
N ARG B 180 -5.21 -12.34 -14.25
CA ARG B 180 -4.78 -13.70 -14.53
C ARG B 180 -3.25 -13.81 -14.52
N VAL B 181 -2.56 -12.81 -15.05
CA VAL B 181 -1.11 -12.79 -14.99
C VAL B 181 -0.63 -12.67 -13.55
N LEU B 182 -1.27 -11.77 -12.81
CA LEU B 182 -0.98 -11.65 -11.38
C LEU B 182 -1.10 -13.02 -10.68
N ASP B 183 -2.15 -13.78 -10.99
CA ASP B 183 -2.36 -15.09 -10.38
C ASP B 183 -1.20 -16.03 -10.72
N LYS B 184 -0.79 -16.03 -11.99
CA LYS B 184 0.34 -16.84 -12.43
C LYS B 184 1.62 -16.49 -11.66
N ILE B 185 1.81 -15.21 -11.35
CA ILE B 185 2.98 -14.82 -10.55
C ILE B 185 2.85 -15.30 -9.10
N THR B 186 1.64 -15.29 -8.55
CA THR B 186 1.42 -15.91 -7.25
C THR B 186 1.79 -17.40 -7.29
N ASP B 187 1.31 -18.08 -8.33
CA ASP B 187 1.63 -19.50 -8.54
C ASP B 187 3.15 -19.72 -8.54
N THR B 188 3.85 -18.78 -9.16
CA THR B 188 5.30 -18.87 -9.32
C THR B 188 6.01 -18.70 -7.97
N LEU B 189 5.57 -17.71 -7.17
CA LEU B 189 6.11 -17.49 -5.83
C LEU B 189 5.99 -18.74 -4.95
N ILE B 190 4.80 -19.32 -4.95
CA ILE B 190 4.53 -20.53 -4.17
C ILE B 190 5.43 -21.67 -4.66
N HIS B 191 5.59 -21.76 -5.98
CA HIS B 191 6.47 -22.76 -6.58
C HIS B 191 7.90 -22.64 -6.09
N LEU B 192 8.41 -21.42 -6.08
CA LEU B 192 9.76 -21.16 -5.58
C LEU B 192 9.90 -21.59 -4.12
N MET B 193 8.88 -21.29 -3.31
CA MET B 193 8.92 -21.61 -1.90
C MET B 193 8.82 -23.11 -1.64
N ALA B 194 7.93 -23.78 -2.37
CA ALA B 194 7.83 -25.24 -2.28
C ALA B 194 9.16 -25.88 -2.65
N LYS B 195 9.79 -25.34 -3.70
CA LYS B 195 11.07 -25.88 -4.13
C LYS B 195 12.16 -25.68 -3.07
N ALA B 196 12.06 -24.58 -2.34
CA ALA B 196 13.01 -24.27 -1.26
C ALA B 196 12.74 -25.11 0.00
N GLY B 197 11.72 -25.96 -0.05
CA GLY B 197 11.47 -26.91 1.02
C GLY B 197 10.54 -26.42 2.11
N LEU B 198 9.94 -25.24 1.93
CA LEU B 198 8.96 -24.76 2.91
C LEU B 198 7.70 -25.60 2.93
N THR B 199 7.17 -25.86 4.12
CA THR B 199 5.87 -26.51 4.25
C THR B 199 4.77 -25.65 3.62
N LEU B 200 3.60 -26.24 3.38
CA LEU B 200 2.44 -25.48 2.91
C LEU B 200 2.14 -24.27 3.80
N GLN B 201 2.13 -24.48 5.10
CA GLN B 201 1.88 -23.38 6.04
C GLN B 201 2.91 -22.28 5.85
N GLN B 202 4.18 -22.68 5.83
CA GLN B 202 5.26 -21.73 5.66
C GLN B 202 5.17 -20.98 4.34
N GLN B 203 4.69 -21.67 3.30
CA GLN B 203 4.54 -21.07 1.98
C GLN B 203 3.54 -19.92 2.00
N HIS B 204 2.37 -20.16 2.59
CA HIS B 204 1.31 -19.13 2.65
CA HIS B 204 1.36 -19.09 2.57
C HIS B 204 1.75 -17.98 3.54
N GLN B 205 2.46 -18.30 4.61
CA GLN B 205 2.92 -17.26 5.53
C GLN B 205 3.94 -16.36 4.84
N ARG B 206 4.88 -16.95 4.13
CA ARG B 206 5.90 -16.16 3.44
C ARG B 206 5.31 -15.34 2.32
N LEU B 207 4.37 -15.93 1.58
CA LEU B 207 3.69 -15.22 0.52
C LEU B 207 3.06 -13.97 1.07
N ALA B 208 2.36 -14.11 2.19
CA ALA B 208 1.72 -12.98 2.85
C ALA B 208 2.74 -11.95 3.31
N GLN B 209 3.83 -12.41 3.93
CA GLN B 209 4.87 -11.52 4.41
C GLN B 209 5.41 -10.66 3.28
N LEU B 210 5.64 -11.28 2.12
CA LEU B 210 6.20 -10.59 0.97
C LEU B 210 5.24 -9.56 0.38
N LEU B 211 3.97 -9.94 0.26
CA LEU B 211 2.98 -9.05 -0.32
C LEU B 211 2.63 -7.87 0.59
N LEU B 212 2.73 -8.09 1.90
CA LEU B 212 2.49 -7.01 2.86
C LEU B 212 3.59 -5.94 2.79
N ILE B 213 4.78 -6.33 2.38
CA ILE B 213 5.83 -5.33 2.18
C ILE B 213 5.43 -4.34 1.08
N LEU B 214 4.66 -4.81 0.10
CA LEU B 214 4.26 -3.97 -1.02
C LEU B 214 3.40 -2.79 -0.57
N SER B 215 2.72 -2.95 0.58
CA SER B 215 1.96 -1.86 1.17
C SER B 215 2.90 -0.75 1.65
N HIS B 216 4.02 -1.16 2.26
CA HIS B 216 5.01 -0.22 2.74
CA HIS B 216 4.99 -0.20 2.75
C HIS B 216 5.73 0.44 1.57
N ILE B 217 5.99 -0.33 0.53
CA ILE B 217 6.60 0.26 -0.66
C ILE B 217 5.65 1.29 -1.29
N ARG B 218 4.35 1.02 -1.32
CA ARG B 218 3.39 2.00 -1.81
C ARG B 218 3.48 3.27 -0.96
N HIS B 219 3.51 3.08 0.36
CA HIS B 219 3.59 4.19 1.30
C HIS B 219 4.80 5.07 1.01
N MET B 220 5.97 4.43 0.88
CA MET B 220 7.20 5.18 0.61
C MET B 220 7.16 5.92 -0.73
N SER B 221 6.52 5.32 -1.73
CA SER B 221 6.39 5.97 -3.04
C SER B 221 5.47 7.20 -2.93
N ASN B 222 4.37 7.04 -2.19
CA ASN B 222 3.48 8.16 -1.93
C ASN B 222 4.22 9.33 -1.25
N LYS B 223 4.95 9.01 -0.18
CA LYS B 223 5.68 10.06 0.54
C LYS B 223 6.78 10.63 -0.36
N GLY B 224 7.47 9.75 -1.09
CA GLY B 224 8.50 10.17 -2.01
C GLY B 224 7.98 11.10 -3.09
N MET B 225 6.80 10.79 -3.64
CA MET B 225 6.21 11.61 -4.69
C MET B 225 5.86 13.01 -4.20
N GLU B 226 5.41 13.11 -2.95
CA GLU B 226 5.10 14.41 -2.38
C GLU B 226 6.38 15.20 -2.18
N HIS B 227 7.42 14.54 -1.72
CA HIS B 227 8.69 15.21 -1.48
C HIS B 227 9.27 15.71 -2.80
N LEU B 228 9.19 14.88 -3.83
CA LEU B 228 9.67 15.24 -5.16
C LEU B 228 8.96 16.48 -5.68
N TYR B 229 7.65 16.52 -5.46
CA TYR B 229 6.83 17.64 -5.91
C TYR B 229 7.27 18.93 -5.23
N SER B 230 7.61 18.86 -3.95
CA SER B 230 8.07 20.03 -3.22
C SER B 230 9.45 20.48 -3.70
N MET B 231 10.22 19.55 -4.24
CA MET B 231 11.52 19.88 -4.82
C MET B 231 11.37 20.63 -6.13
N LYS B 232 10.41 20.21 -6.95
CA LYS B 232 10.13 20.90 -8.21
C LYS B 232 9.65 22.32 -7.96
N CYS B 233 8.79 22.47 -6.97
CA CYS B 233 8.25 23.79 -6.62
C CYS B 233 9.33 24.72 -6.10
N LYS B 234 10.20 24.21 -5.23
CA LYS B 234 11.24 25.02 -4.60
C LYS B 234 12.43 25.30 -5.53
N ASN B 235 12.33 24.79 -6.76
CA ASN B 235 13.38 24.96 -7.77
C ASN B 235 14.75 24.48 -7.31
N VAL B 236 14.75 23.51 -6.39
CA VAL B 236 15.99 22.98 -5.85
C VAL B 236 16.75 22.20 -6.92
N VAL B 237 16.06 21.27 -7.57
CA VAL B 237 16.66 20.51 -8.65
C VAL B 237 15.77 20.55 -9.89
N PRO B 238 16.39 20.80 -11.05
CA PRO B 238 15.65 20.67 -12.31
C PRO B 238 15.44 19.19 -12.66
N LEU B 239 14.18 18.78 -12.73
CA LEU B 239 13.87 17.40 -13.08
C LEU B 239 13.94 17.24 -14.59
N SER B 240 14.18 16.02 -15.06
CA SER B 240 14.23 15.76 -16.49
C SER B 240 12.82 15.78 -17.09
N ASP B 241 12.75 15.89 -18.41
CA ASP B 241 11.47 15.91 -19.11
C ASP B 241 10.62 14.68 -18.81
N LEU B 242 11.22 13.49 -18.84
CA LEU B 242 10.47 12.29 -18.52
C LEU B 242 9.99 12.29 -17.08
N LEU B 243 10.88 12.63 -16.15
CA LEU B 243 10.53 12.63 -14.75
C LEU B 243 9.43 13.63 -14.44
N LEU B 244 9.48 14.79 -15.10
CA LEU B 244 8.42 15.78 -14.94
C LEU B 244 7.07 15.18 -15.34
N GLU B 245 7.04 14.49 -16.47
CA GLU B 245 5.79 13.90 -16.92
C GLU B 245 5.32 12.75 -16.03
N MET B 246 6.26 11.99 -15.49
CA MET B 246 5.91 10.89 -14.60
C MET B 246 5.36 11.44 -13.29
N LEU B 247 5.94 12.55 -12.84
CA LEU B 247 5.50 13.19 -11.60
C LEU B 247 4.11 13.81 -11.78
N ASP B 248 3.91 14.51 -12.89
CA ASP B 248 2.63 15.16 -13.17
C ASP B 248 1.47 14.17 -13.30
N ALA B 249 1.78 12.91 -13.58
CA ALA B 249 0.77 11.86 -13.69
C ALA B 249 0.08 11.56 -12.36
N HIS B 250 0.71 11.92 -11.25
CA HIS B 250 0.14 11.65 -9.93
C HIS B 250 -0.72 12.80 -9.40
N ARG B 251 -0.90 13.83 -10.22
CA ARG B 251 -1.63 15.01 -9.81
C ARG B 251 -2.89 15.23 -10.64
N LYS C 1 4.24 13.21 26.38
CA LYS C 1 3.27 14.20 25.95
C LYS C 1 1.83 13.70 26.14
N HIS C 2 0.90 14.63 26.32
CA HIS C 2 -0.49 14.27 26.48
C HIS C 2 -1.13 13.95 25.12
N LYS C 3 -1.67 12.74 24.99
CA LYS C 3 -2.44 12.38 23.80
C LYS C 3 -3.80 11.83 24.19
N ILE C 4 -4.84 12.27 23.48
CA ILE C 4 -6.17 11.73 23.69
C ILE C 4 -6.12 10.24 23.47
N LEU C 5 -5.38 9.83 22.45
CA LEU C 5 -5.22 8.41 22.13
C LEU C 5 -4.69 7.60 23.32
N HIS C 6 -3.85 8.22 24.13
CA HIS C 6 -3.37 7.58 25.35
C HIS C 6 -4.52 7.27 26.30
N ARG C 7 -5.37 8.26 26.52
CA ARG C 7 -6.50 8.09 27.41
C ARG C 7 -7.47 7.05 26.87
N LEU C 8 -7.74 7.09 25.58
CA LEU C 8 -8.69 6.17 24.97
C LEU C 8 -8.22 4.73 25.06
N LEU C 9 -6.94 4.51 24.81
CA LEU C 9 -6.38 3.18 24.88
C LEU C 9 -6.38 2.63 26.31
N GLN C 10 -6.09 3.50 27.26
CA GLN C 10 -6.02 3.09 28.66
C GLN C 10 -7.40 2.82 29.26
N ASP C 11 -8.42 3.51 28.75
CA ASP C 11 -9.78 3.33 29.27
C ASP C 11 -10.66 2.50 28.35
N SER C 12 -10.04 1.77 27.42
CA SER C 12 -10.79 1.00 26.42
C SER C 12 -11.69 -0.04 27.09
N SER C 13 -12.91 -0.18 26.58
CA SER C 13 -13.90 -1.08 27.18
C SER C 13 -14.29 -2.20 26.23
N HIS D 2 0.73 11.30 -26.91
CA HIS D 2 2.08 11.32 -27.43
C HIS D 2 3.05 11.95 -26.43
N LYS D 3 2.94 11.57 -25.15
CA LYS D 3 3.95 11.97 -24.18
C LYS D 3 5.16 11.05 -24.30
N ILE D 4 6.23 11.42 -23.61
CA ILE D 4 7.51 10.73 -23.75
C ILE D 4 7.38 9.25 -23.45
N LEU D 5 6.71 8.92 -22.34
CA LEU D 5 6.56 7.53 -21.93
C LEU D 5 5.89 6.71 -23.01
N HIS D 6 4.82 7.27 -23.57
CA HIS D 6 4.10 6.64 -24.67
C HIS D 6 5.02 6.34 -25.86
N ARG D 7 5.84 7.32 -26.24
CA ARG D 7 6.73 7.18 -27.38
C ARG D 7 7.77 6.08 -27.13
N LEU D 8 8.37 6.09 -25.95
CA LEU D 8 9.36 5.09 -25.57
C LEU D 8 8.76 3.70 -25.49
N LEU D 9 7.51 3.61 -25.03
CA LEU D 9 6.78 2.35 -25.04
C LEU D 9 6.53 1.88 -26.46
N GLN D 10 6.43 2.82 -27.39
CA GLN D 10 6.27 2.49 -28.80
C GLN D 10 7.61 2.12 -29.42
N ASP D 11 8.63 2.92 -29.11
CA ASP D 11 9.98 2.70 -29.62
C ASP D 11 10.56 1.35 -29.18
#